data_1HFA
#
_entry.id   1HFA
#
_cell.length_a   77.725
_cell.length_b   77.725
_cell.length_c   122.265
_cell.angle_alpha   90.00
_cell.angle_beta   90.00
_cell.angle_gamma   90.00
#
_symmetry.space_group_name_H-M   'P 41 21 2'
#
loop_
_entity.id
_entity.type
_entity.pdbx_description
1 polymer 'CLATHRIN ASSEMBLY PROTEIN SHORT FORM'
2 non-polymer '[(2R)-2-octanoyloxy-3-[oxidanyl-[(1R,2R,3S,4R,5R,6S)-2,3,6-tris(oxidanyl)-4,5-diphosphonooxy-cyclohexyl]oxy-phosphoryl]oxy-propyl] octanoate'
3 water water
#
_entity_poly.entity_id   1
_entity_poly.type   'polypeptide(L)'
_entity_poly.pdbx_seq_one_letter_code
;MSGQSLTDRITAAQHSVTGSAVSKTVCKATTHEIMGPKKKHLDYLIQCTNEMNVNIPQLADSLFERTTNSSWVVVFKSLI
TTHHLMVYGNERFIQYLASRNTLFNLSNFLDKSGLQGYDMSTFIRRYSRYLNEKAVSYRQVAFDFTKVKRGADGVMRTMN
TEKLLKTVPIIQNQMDALLDFNVNSNELTNGVINAAFMLLFKDAIRLFAAYNEGIINLLEKYFDMKKNQCKEGLDIYKKF
LTRMTRISEFLKVAEQVGIDRGDIPDLSQAPSSLLDALEQHLASLEGKK
;
_entity_poly.pdbx_strand_id   A
#
# COMPACT_ATOMS: atom_id res chain seq x y z
N GLY A 19 2.17 27.05 -5.33
CA GLY A 19 3.12 27.18 -6.48
C GLY A 19 4.51 27.33 -5.86
N SER A 20 5.05 28.55 -5.84
CA SER A 20 6.23 28.72 -5.02
C SER A 20 5.89 28.28 -3.56
N ALA A 21 4.72 28.63 -3.01
CA ALA A 21 4.40 28.18 -1.59
C ALA A 21 4.29 26.62 -1.49
N VAL A 22 3.79 25.99 -2.54
CA VAL A 22 3.69 24.56 -2.69
C VAL A 22 5.05 23.94 -2.83
N SER A 23 5.88 24.53 -3.66
CA SER A 23 7.16 23.96 -3.97
C SER A 23 8.11 24.09 -2.78
N LYS A 24 8.01 25.21 -2.06
CA LYS A 24 8.83 25.41 -0.84
C LYS A 24 8.44 24.39 0.29
N THR A 25 7.17 24.08 0.41
CA THR A 25 6.73 23.11 1.43
C THR A 25 7.19 21.70 1.08
N VAL A 26 7.25 21.40 -0.20
CA VAL A 26 7.70 20.12 -0.60
C VAL A 26 9.13 19.99 -0.17
N CYS A 27 9.95 21.05 -0.38
CA CYS A 27 11.37 21.05 0.04
C CYS A 27 11.48 20.94 1.52
N LYS A 28 10.60 21.61 2.29
CA LYS A 28 10.69 21.50 3.73
C LYS A 28 10.34 20.06 4.23
N ALA A 29 9.49 19.34 3.51
CA ALA A 29 9.12 18.03 3.94
C ALA A 29 10.22 17.05 3.60
N THR A 30 11.12 17.42 2.74
CA THR A 30 12.14 16.57 2.26
C THR A 30 13.55 17.03 2.54
N THR A 31 13.77 17.66 3.64
CA THR A 31 15.13 18.03 3.94
C THR A 31 15.97 16.82 4.26
N HIS A 32 17.25 17.15 4.36
CA HIS A 32 18.28 16.20 4.74
C HIS A 32 18.24 15.74 6.19
N GLU A 33 17.34 16.22 7.00
CA GLU A 33 17.35 15.82 8.40
C GLU A 33 16.80 14.35 8.54
N ILE A 34 17.36 13.55 9.48
CA ILE A 34 16.98 12.12 9.66
C ILE A 34 15.80 11.97 10.56
N MET A 35 14.68 12.31 10.00
CA MET A 35 13.42 12.08 10.62
C MET A 35 12.43 12.12 9.50
N GLY A 36 11.26 11.55 9.70
CA GLY A 36 10.21 11.62 8.67
C GLY A 36 9.81 13.08 8.50
N PRO A 37 9.07 13.36 7.47
CA PRO A 37 8.52 14.71 7.21
C PRO A 37 7.69 15.19 8.43
N LYS A 38 7.81 16.46 8.71
CA LYS A 38 7.10 17.04 9.82
C LYS A 38 5.62 17.15 9.57
N LYS A 39 4.84 16.94 10.60
CA LYS A 39 3.35 17.05 10.57
C LYS A 39 2.88 18.45 9.96
N LYS A 40 3.54 19.49 10.39
CA LYS A 40 3.14 20.82 9.94
C LYS A 40 3.23 20.96 8.40
N HIS A 41 4.28 20.42 7.79
CA HIS A 41 4.43 20.45 6.35
C HIS A 41 3.40 19.50 5.68
N LEU A 42 3.30 18.26 6.21
CA LEU A 42 2.28 17.32 5.74
C LEU A 42 0.82 17.89 5.75
N ASP A 43 0.42 18.58 6.81
CA ASP A 43 -0.97 19.11 6.88
C ASP A 43 -1.21 20.17 5.79
N TYR A 44 -0.21 21.01 5.54
CA TYR A 44 -0.28 22.02 4.48
C TYR A 44 -0.47 21.35 3.15
N LEU A 45 0.32 20.32 2.85
CA LEU A 45 0.16 19.59 1.57
C LEU A 45 -1.18 18.93 1.43
N ILE A 46 -1.67 18.38 2.52
CA ILE A 46 -2.93 17.74 2.47
C ILE A 46 -4.05 18.82 2.10
N GLN A 47 -3.95 19.99 2.69
CA GLN A 47 -4.88 21.08 2.36
C GLN A 47 -4.73 21.42 0.92
N CYS A 48 -3.50 21.47 0.42
CA CYS A 48 -3.27 21.72 -1.00
C CYS A 48 -4.05 20.79 -1.88
N THR A 49 -4.11 19.53 -1.56
CA THR A 49 -4.87 18.61 -2.38
C THR A 49 -6.32 18.83 -2.34
N ASN A 50 -6.79 19.42 -1.29
CA ASN A 50 -8.23 19.66 -1.21
C ASN A 50 -8.69 20.98 -1.90
N GLU A 51 -7.83 21.83 -2.44
CA GLU A 51 -8.23 23.09 -3.03
C GLU A 51 -8.37 22.92 -4.55
N MET A 52 -9.52 23.24 -5.07
CA MET A 52 -9.78 23.18 -6.52
C MET A 52 -8.85 23.96 -7.40
N ASN A 53 -8.24 24.98 -6.89
CA ASN A 53 -7.33 25.75 -7.68
C ASN A 53 -5.91 25.33 -7.66
N VAL A 54 -5.57 24.32 -6.90
CA VAL A 54 -4.17 23.94 -6.89
C VAL A 54 -4.00 23.05 -8.05
N ASN A 55 -2.93 23.16 -8.71
CA ASN A 55 -2.59 22.31 -9.84
C ASN A 55 -1.93 21.01 -9.36
N ILE A 56 -2.63 19.90 -9.33
CA ILE A 56 -2.01 18.69 -8.83
C ILE A 56 -0.75 18.26 -9.49
N PRO A 57 -0.65 18.31 -10.82
CA PRO A 57 0.53 17.84 -11.50
C PRO A 57 1.79 18.55 -11.16
N GLN A 58 1.67 19.83 -10.88
CA GLN A 58 2.89 20.49 -10.48
C GLN A 58 3.33 20.03 -9.09
N LEU A 59 2.37 19.89 -8.19
CA LEU A 59 2.69 19.30 -6.83
C LEU A 59 3.36 17.92 -7.01
N ALA A 60 2.75 17.01 -7.72
CA ALA A 60 3.42 15.70 -8.01
C ALA A 60 4.77 15.72 -8.57
N ASP A 61 5.01 16.67 -9.51
CA ASP A 61 6.27 16.74 -10.19
C ASP A 61 7.34 17.23 -9.26
N SER A 62 7.05 18.17 -8.39
CA SER A 62 8.09 18.50 -7.44
C SER A 62 8.53 17.33 -6.54
N LEU A 63 7.63 16.32 -6.30
CA LEU A 63 7.89 15.20 -5.42
C LEU A 63 8.77 14.21 -6.25
N PHE A 64 8.44 13.97 -7.54
CA PHE A 64 9.32 13.18 -8.41
C PHE A 64 10.70 13.77 -8.51
N GLU A 65 10.83 15.09 -8.65
CA GLU A 65 12.17 15.69 -8.68
C GLU A 65 13.00 15.45 -7.47
N ARG A 66 12.38 15.55 -6.31
CA ARG A 66 13.11 15.21 -5.13
C ARG A 66 13.66 13.77 -5.17
N THR A 67 13.04 12.86 -5.91
CA THR A 67 13.51 11.49 -5.91
C THR A 67 14.66 11.23 -6.86
N THR A 68 15.17 12.29 -7.55
CA THR A 68 16.38 12.21 -8.36
C THR A 68 17.53 12.68 -7.54
N ASN A 69 17.31 13.04 -6.29
CA ASN A 69 18.42 13.47 -5.48
C ASN A 69 19.35 12.26 -5.23
N SER A 70 20.61 12.52 -4.92
CA SER A 70 21.52 11.43 -4.71
C SER A 70 21.43 10.92 -3.26
N SER A 71 20.92 11.72 -2.33
CA SER A 71 20.88 11.28 -0.93
C SER A 71 19.64 10.43 -0.49
N TRP A 72 19.92 9.32 0.15
CA TRP A 72 18.87 8.40 0.62
C TRP A 72 17.85 9.10 1.49
N VAL A 73 18.26 10.02 2.31
CA VAL A 73 17.32 10.64 3.19
C VAL A 73 16.25 11.47 2.43
N VAL A 74 16.69 12.29 1.49
CA VAL A 74 15.81 13.10 0.63
C VAL A 74 14.83 12.24 -0.13
N VAL A 75 15.31 11.18 -0.75
CA VAL A 75 14.58 10.30 -1.57
C VAL A 75 13.50 9.50 -0.76
N PHE A 76 13.89 9.00 0.39
CA PHE A 76 12.98 8.22 1.25
C PHE A 76 11.86 9.19 1.76
N LYS A 77 12.20 10.38 2.19
CA LYS A 77 11.22 11.32 2.64
C LYS A 77 10.24 11.77 1.58
N SER A 78 10.70 11.82 0.35
CA SER A 78 9.81 12.16 -0.76
C SER A 78 8.82 11.02 -1.00
N LEU A 79 9.28 9.77 -0.81
CA LEU A 79 8.40 8.68 -0.95
C LEU A 79 7.34 8.62 0.15
N ILE A 80 7.81 8.85 1.37
CA ILE A 80 6.96 8.84 2.51
C ILE A 80 5.83 9.99 2.37
N THR A 81 6.24 11.19 1.96
CA THR A 81 5.29 12.33 1.74
C THR A 81 4.22 11.94 0.68
N THR A 82 4.66 11.28 -0.39
CA THR A 82 3.79 10.77 -1.41
C THR A 82 2.76 9.75 -0.85
N HIS A 83 3.24 8.77 -0.05
CA HIS A 83 2.42 7.75 0.57
C HIS A 83 1.39 8.51 1.46
N HIS A 84 1.87 9.44 2.31
CA HIS A 84 1.01 10.11 3.25
C HIS A 84 -0.17 10.86 2.52
N LEU A 85 0.13 11.48 1.38
CA LEU A 85 -0.86 12.18 0.52
C LEU A 85 -1.84 11.22 -0.16
N MET A 86 -1.39 9.99 -0.43
CA MET A 86 -2.21 9.03 -1.06
C MET A 86 -3.19 8.55 -0.01
N VAL A 87 -2.79 8.56 1.24
CA VAL A 87 -3.64 8.04 2.32
C VAL A 87 -4.59 9.12 2.93
N TYR A 88 -4.13 10.38 3.09
CA TYR A 88 -4.84 11.37 3.82
C TYR A 88 -5.33 12.50 2.88
N GLY A 89 -4.87 12.54 1.65
CA GLY A 89 -5.19 13.57 0.71
C GLY A 89 -6.47 13.32 0.00
N ASN A 90 -6.92 14.33 -0.70
CA ASN A 90 -8.11 14.21 -1.56
C ASN A 90 -7.81 13.15 -2.61
N GLU A 91 -8.86 12.43 -3.00
CA GLU A 91 -8.76 11.40 -4.02
C GLU A 91 -8.27 11.87 -5.35
N ARG A 92 -8.32 13.17 -5.65
CA ARG A 92 -7.79 13.64 -6.89
C ARG A 92 -6.27 13.43 -6.99
N PHE A 93 -5.55 13.29 -5.87
CA PHE A 93 -4.11 13.05 -5.90
C PHE A 93 -3.79 11.68 -6.41
N ILE A 94 -4.33 10.66 -5.83
CA ILE A 94 -4.04 9.33 -6.32
C ILE A 94 -4.55 9.10 -7.76
N GLN A 95 -5.74 9.66 -8.06
CA GLN A 95 -6.27 9.68 -9.49
C GLN A 95 -5.27 10.24 -10.50
N TYR A 96 -4.62 11.36 -10.22
CA TYR A 96 -3.57 11.80 -11.10
C TYR A 96 -2.42 10.85 -11.18
N LEU A 97 -1.95 10.30 -10.04
CA LEU A 97 -0.84 9.38 -10.07
C LEU A 97 -1.14 8.15 -10.92
N ALA A 98 -2.33 7.70 -10.78
CA ALA A 98 -2.69 6.53 -11.51
C ALA A 98 -2.83 6.81 -13.04
N SER A 99 -2.97 8.07 -13.43
CA SER A 99 -3.17 8.33 -14.88
C SER A 99 -1.91 8.55 -15.71
N ARG A 100 -0.77 8.63 -15.03
CA ARG A 100 0.51 8.73 -15.70
C ARG A 100 0.80 7.41 -16.27
N ASN A 101 1.91 7.36 -16.99
CA ASN A 101 2.41 6.06 -17.50
C ASN A 101 3.65 5.58 -16.78
N THR A 102 4.46 6.54 -16.30
CA THR A 102 5.59 6.12 -15.52
C THR A 102 5.47 6.90 -14.20
N LEU A 103 5.89 6.20 -13.14
CA LEU A 103 5.84 6.61 -11.77
C LEU A 103 7.28 6.66 -11.22
N PHE A 104 7.60 5.90 -10.19
CA PHE A 104 8.93 5.98 -9.62
C PHE A 104 9.84 5.02 -10.36
N ASN A 105 11.02 5.48 -10.63
CA ASN A 105 11.93 4.59 -11.20
C ASN A 105 13.19 4.50 -10.34
N LEU A 106 13.12 3.74 -9.29
CA LEU A 106 14.21 3.81 -8.36
C LEU A 106 14.79 2.39 -8.22
N SER A 107 14.53 1.56 -9.20
CA SER A 107 14.93 0.12 -9.14
C SER A 107 16.41 -0.13 -9.00
N ASN A 108 17.22 0.85 -9.33
CA ASN A 108 18.63 0.73 -9.24
C ASN A 108 19.22 1.73 -8.24
N PHE A 109 18.40 2.33 -7.38
CA PHE A 109 18.93 3.34 -6.47
C PHE A 109 20.02 2.79 -5.53
N LEU A 110 21.08 3.53 -5.31
CA LEU A 110 22.12 3.11 -4.35
C LEU A 110 22.84 4.33 -3.83
N ASP A 111 22.77 4.63 -2.56
CA ASP A 111 23.50 5.81 -2.02
C ASP A 111 24.67 5.16 -1.27
N LYS A 112 25.92 5.53 -1.62
CA LYS A 112 27.14 4.78 -1.15
C LYS A 112 27.94 5.66 -0.29
N SER A 113 27.36 6.75 0.14
CA SER A 113 28.11 7.68 0.89
C SER A 113 28.36 7.29 2.30
N GLY A 114 27.71 6.25 2.79
CA GLY A 114 27.92 5.88 4.15
C GLY A 114 27.19 4.58 4.28
N LEU A 115 27.44 3.85 5.36
CA LEU A 115 26.87 2.52 5.60
C LEU A 115 25.31 2.67 5.65
N GLN A 116 24.78 3.62 6.46
CA GLN A 116 23.33 3.86 6.51
C GLN A 116 22.70 3.96 5.12
N GLY A 117 23.39 4.68 4.26
CA GLY A 117 23.08 4.74 2.85
C GLY A 117 22.91 3.44 2.15
N TYR A 118 23.90 2.55 2.30
CA TYR A 118 23.85 1.27 1.66
C TYR A 118 22.66 0.47 2.19
N ASP A 119 22.46 0.52 3.49
CA ASP A 119 21.48 -0.33 4.14
C ASP A 119 20.01 0.17 3.81
N MET A 120 19.85 1.46 3.61
CA MET A 120 18.51 2.13 3.44
C MET A 120 18.10 2.02 1.94
N SER A 121 19.12 1.95 1.05
CA SER A 121 18.92 1.87 -0.39
C SER A 121 18.01 0.69 -0.74
N THR A 122 18.23 -0.40 -0.09
CA THR A 122 17.36 -1.53 -0.41
C THR A 122 15.90 -1.30 -0.10
N PHE A 123 15.66 -0.67 1.06
CA PHE A 123 14.25 -0.38 1.47
C PHE A 123 13.60 0.64 0.56
N ILE A 124 14.36 1.58 0.02
CA ILE A 124 13.87 2.55 -0.96
C ILE A 124 13.36 1.90 -2.26
N ARG A 125 14.10 0.91 -2.75
CA ARG A 125 13.70 0.17 -3.92
C ARG A 125 12.41 -0.52 -3.71
N ARG A 126 12.30 -1.14 -2.55
CA ARG A 126 11.17 -1.98 -2.25
C ARG A 126 9.91 -1.07 -1.94
N TYR A 127 10.11 -0.01 -1.23
CA TYR A 127 9.03 0.89 -0.91
C TYR A 127 8.43 1.56 -2.18
N SER A 128 9.32 1.99 -3.07
CA SER A 128 8.93 2.68 -4.27
C SER A 128 8.11 1.73 -5.20
N ARG A 129 8.52 0.47 -5.29
CA ARG A 129 7.73 -0.53 -5.98
C ARG A 129 6.33 -0.71 -5.39
N TYR A 130 6.22 -0.72 -4.10
CA TYR A 130 4.90 -0.76 -3.47
C TYR A 130 4.11 0.45 -3.91
N LEU A 131 4.64 1.65 -3.82
CA LEU A 131 3.85 2.85 -4.20
C LEU A 131 3.38 2.82 -5.69
N ASN A 132 4.20 2.26 -6.58
CA ASN A 132 3.84 2.12 -7.99
C ASN A 132 2.64 1.19 -8.14
N GLU A 133 2.66 0.10 -7.38
CA GLU A 133 1.61 -0.88 -7.48
C GLU A 133 0.34 -0.38 -6.87
N LYS A 134 0.44 0.41 -5.81
CA LYS A 134 -0.75 1.09 -5.28
C LYS A 134 -1.42 2.00 -6.34
N ALA A 135 -0.65 2.75 -7.08
CA ALA A 135 -1.27 3.56 -8.13
C ALA A 135 -1.85 2.65 -9.26
N VAL A 136 -1.15 1.60 -9.64
CA VAL A 136 -1.60 0.77 -10.74
C VAL A 136 -2.88 0.04 -10.42
N SER A 137 -3.02 -0.34 -9.15
CA SER A 137 -4.27 -0.92 -8.72
C SER A 137 -5.47 0.04 -8.77
N TYR A 138 -5.23 1.27 -8.38
CA TYR A 138 -6.26 2.30 -8.54
C TYR A 138 -6.63 2.45 -10.00
N ARG A 139 -5.67 2.47 -10.89
CA ARG A 139 -5.97 2.58 -12.29
C ARG A 139 -6.83 1.45 -12.84
N GLN A 140 -6.47 0.23 -12.48
CA GLN A 140 -7.23 -0.97 -12.84
C GLN A 140 -8.67 -1.10 -12.36
N VAL A 141 -9.02 -0.72 -11.11
CA VAL A 141 -10.35 -0.96 -10.62
C VAL A 141 -11.09 0.26 -10.31
N ALA A 142 -10.46 1.41 -10.47
CA ALA A 142 -11.13 2.71 -10.18
C ALA A 142 -11.63 3.07 -8.77
N PHE A 143 -11.09 2.41 -7.77
CA PHE A 143 -11.35 2.78 -6.38
C PHE A 143 -10.10 2.34 -5.52
N ASP A 144 -10.04 2.84 -4.31
CA ASP A 144 -8.93 2.55 -3.39
C ASP A 144 -9.44 1.49 -2.47
N PHE A 145 -8.84 0.28 -2.53
CA PHE A 145 -9.15 -0.80 -1.66
C PHE A 145 -9.09 -0.43 -0.18
N THR A 146 -8.23 0.50 0.18
CA THR A 146 -8.01 0.87 1.59
C THR A 146 -9.14 1.71 2.17
N LYS A 147 -9.90 2.35 1.28
CA LYS A 147 -10.86 3.38 1.69
C LYS A 147 -12.40 3.04 1.59
N VAL A 148 -12.74 2.05 0.81
CA VAL A 148 -14.15 1.77 0.60
C VAL A 148 -14.90 1.10 1.76
N LYS A 149 -16.24 1.29 1.75
CA LYS A 149 -17.15 0.82 2.81
C LYS A 149 -16.96 -0.64 3.14
N ARG A 150 -16.79 -0.97 4.38
CA ARG A 150 -16.58 -2.36 4.71
C ARG A 150 -17.88 -2.92 5.26
N GLY A 151 -17.88 -4.18 5.67
CA GLY A 151 -19.05 -4.73 6.30
C GLY A 151 -19.80 -5.79 5.52
N ALA A 152 -21.04 -5.41 5.15
CA ALA A 152 -22.08 -6.25 4.48
C ALA A 152 -22.85 -5.36 3.48
N ASP A 153 -22.83 -4.07 3.75
CA ASP A 153 -23.33 -3.11 2.81
C ASP A 153 -22.19 -2.53 1.91
N GLY A 154 -21.00 -3.17 1.90
CA GLY A 154 -19.80 -2.62 1.22
C GLY A 154 -19.00 -3.33 0.11
N VAL A 155 -18.90 -2.59 -0.97
CA VAL A 155 -18.19 -2.92 -2.19
C VAL A 155 -17.58 -4.28 -2.19
N MET A 156 -16.45 -4.41 -1.53
CA MET A 156 -15.86 -5.69 -1.58
C MET A 156 -16.97 -6.74 -1.42
N ARG A 157 -17.81 -6.65 -0.39
CA ARG A 157 -18.77 -7.74 -0.14
C ARG A 157 -19.96 -7.91 -1.14
N THR A 158 -20.63 -6.81 -1.50
CA THR A 158 -21.76 -6.86 -2.43
C THR A 158 -21.38 -6.71 -3.92
N MET A 159 -20.52 -7.57 -4.44
CA MET A 159 -20.01 -7.38 -5.79
C MET A 159 -20.31 -8.65 -6.58
N ASN A 160 -20.82 -8.46 -7.77
CA ASN A 160 -21.24 -9.58 -8.58
C ASN A 160 -20.10 -10.54 -8.81
N THR A 161 -20.43 -11.74 -9.15
CA THR A 161 -19.40 -12.76 -9.28
C THR A 161 -18.37 -12.46 -10.35
N GLU A 162 -18.74 -11.72 -11.38
CA GLU A 162 -17.78 -11.47 -12.48
C GLU A 162 -16.65 -10.54 -12.04
N LYS A 163 -17.04 -9.35 -11.55
CA LYS A 163 -16.09 -8.34 -11.11
C LYS A 163 -15.20 -8.99 -10.00
N LEU A 164 -15.80 -9.73 -9.07
CA LEU A 164 -15.08 -10.33 -7.95
C LEU A 164 -13.92 -11.14 -8.39
N LEU A 165 -14.17 -11.94 -9.40
CA LEU A 165 -13.16 -12.84 -9.87
C LEU A 165 -12.08 -12.04 -10.50
N LYS A 166 -12.44 -10.84 -10.87
CA LYS A 166 -11.50 -9.97 -11.53
C LYS A 166 -10.59 -9.21 -10.57
N THR A 167 -11.20 -8.73 -9.53
CA THR A 167 -10.61 -7.88 -8.55
C THR A 167 -9.66 -8.55 -7.54
N VAL A 168 -10.11 -9.66 -6.95
CA VAL A 168 -9.39 -10.29 -5.85
C VAL A 168 -7.92 -10.46 -6.18
N PRO A 169 -7.62 -10.92 -7.37
CA PRO A 169 -6.23 -11.05 -7.84
C PRO A 169 -5.41 -9.73 -7.88
N ILE A 170 -6.09 -8.61 -8.01
CA ILE A 170 -5.44 -7.28 -7.97
C ILE A 170 -5.09 -6.97 -6.52
N ILE A 171 -5.99 -7.15 -5.59
CA ILE A 171 -5.63 -7.03 -4.17
C ILE A 171 -4.43 -7.86 -3.82
N GLN A 172 -4.34 -9.03 -4.41
CA GLN A 172 -3.34 -9.97 -3.99
C GLN A 172 -2.05 -9.50 -4.44
N ASN A 173 -2.05 -8.92 -5.62
CA ASN A 173 -0.82 -8.36 -6.16
C ASN A 173 -0.32 -7.14 -5.34
N GLN A 174 -1.23 -6.29 -4.92
CA GLN A 174 -0.84 -5.12 -4.13
C GLN A 174 -0.29 -5.58 -2.76
N MET A 175 -0.91 -6.60 -2.24
CA MET A 175 -0.51 -7.19 -0.98
C MET A 175 0.81 -7.73 -1.05
N ASP A 176 1.13 -8.44 -2.15
CA ASP A 176 2.48 -9.08 -2.31
C ASP A 176 3.56 -8.00 -2.34
N ALA A 177 3.30 -6.90 -3.01
CA ALA A 177 4.32 -5.87 -3.11
C ALA A 177 4.56 -5.24 -1.77
N LEU A 178 3.49 -5.11 -1.01
CA LEU A 178 3.52 -4.48 0.32
C LEU A 178 4.45 -5.44 1.13
N LEU A 179 4.14 -6.75 1.13
CA LEU A 179 4.91 -7.70 1.96
C LEU A 179 6.37 -7.87 1.58
N ASP A 180 6.77 -7.53 0.35
CA ASP A 180 8.18 -7.63 -0.09
C ASP A 180 9.11 -6.59 0.51
N PHE A 181 8.47 -5.60 1.18
CA PHE A 181 9.23 -4.65 1.98
C PHE A 181 10.13 -5.46 2.90
N ASN A 182 9.58 -6.53 3.45
CA ASN A 182 10.37 -7.51 4.22
C ASN A 182 11.37 -7.01 5.25
N VAL A 183 10.96 -6.17 6.16
CA VAL A 183 11.81 -5.64 7.16
C VAL A 183 11.78 -6.54 8.43
N ASN A 184 12.83 -6.48 9.20
CA ASN A 184 12.88 -7.18 10.52
C ASN A 184 12.88 -6.20 11.55
N SER A 185 12.50 -6.56 12.78
CA SER A 185 12.55 -5.57 13.89
C SER A 185 13.88 -4.91 14.07
N ASN A 186 14.94 -5.68 13.99
CA ASN A 186 16.20 -5.08 14.25
C ASN A 186 16.73 -4.18 13.17
N GLU A 187 16.06 -4.06 12.01
CA GLU A 187 16.41 -3.07 11.01
C GLU A 187 15.67 -1.70 11.15
N LEU A 188 14.70 -1.61 12.05
CA LEU A 188 13.96 -0.35 12.22
C LEU A 188 14.73 0.56 13.14
N THR A 189 15.74 1.17 12.61
CA THR A 189 16.62 1.90 13.52
C THR A 189 16.75 3.38 13.37
N ASN A 190 15.97 4.02 12.50
CA ASN A 190 15.96 5.44 12.47
C ASN A 190 14.56 5.95 12.18
N GLY A 191 14.37 7.22 12.34
CA GLY A 191 13.04 7.76 12.22
C GLY A 191 12.45 7.83 10.83
N VAL A 192 13.26 7.66 9.81
CA VAL A 192 12.81 7.74 8.44
C VAL A 192 12.21 6.43 8.09
N ILE A 193 12.95 5.34 8.27
CA ILE A 193 12.37 4.04 7.96
C ILE A 193 11.15 3.71 8.90
N ASN A 194 11.20 4.14 10.15
CA ASN A 194 10.10 3.89 11.06
C ASN A 194 8.82 4.59 10.63
N ALA A 195 8.93 5.80 10.05
CA ALA A 195 7.73 6.50 9.51
C ALA A 195 7.12 5.82 8.31
N ALA A 196 7.97 5.25 7.43
CA ALA A 196 7.54 4.40 6.36
C ALA A 196 6.78 3.17 6.84
N PHE A 197 7.33 2.49 7.85
CA PHE A 197 6.76 1.28 8.40
C PHE A 197 5.40 1.52 8.96
N MET A 198 5.25 2.62 9.71
CA MET A 198 3.92 2.93 10.29
C MET A 198 2.84 3.13 9.24
N LEU A 199 3.15 3.75 8.13
CA LEU A 199 2.20 3.86 7.06
C LEU A 199 1.90 2.54 6.32
N LEU A 200 2.93 1.74 6.10
CA LEU A 200 2.79 0.47 5.57
C LEU A 200 1.84 -0.39 6.47
N PHE A 201 2.00 -0.28 7.77
CA PHE A 201 1.16 -1.01 8.76
C PHE A 201 -0.30 -0.68 8.57
N LYS A 202 -0.58 0.62 8.45
CA LYS A 202 -1.94 1.06 8.20
C LYS A 202 -2.52 0.58 6.91
N ASP A 203 -1.78 0.63 5.84
CA ASP A 203 -2.27 0.09 4.60
C ASP A 203 -2.51 -1.47 4.69
N ALA A 204 -1.57 -2.19 5.33
CA ALA A 204 -1.62 -3.64 5.46
C ALA A 204 -2.92 -4.11 6.14
N ILE A 205 -3.29 -3.48 7.25
CA ILE A 205 -4.48 -3.86 7.92
C ILE A 205 -5.81 -3.63 7.16
N ARG A 206 -5.88 -2.51 6.46
CA ARG A 206 -7.01 -2.24 5.62
C ARG A 206 -7.06 -3.07 4.37
N LEU A 207 -5.92 -3.39 3.77
CA LEU A 207 -5.87 -4.21 2.60
C LEU A 207 -6.27 -5.64 2.98
N PHE A 208 -5.81 -6.11 4.11
CA PHE A 208 -6.30 -7.40 4.59
C PHE A 208 -7.83 -7.47 4.80
N ALA A 209 -8.38 -6.44 5.38
CA ALA A 209 -9.78 -6.43 5.63
C ALA A 209 -10.48 -6.61 4.28
N ALA A 210 -10.04 -5.86 3.28
CA ALA A 210 -10.67 -6.00 2.00
C ALA A 210 -10.42 -7.34 1.30
N TYR A 211 -9.24 -7.92 1.48
CA TYR A 211 -8.99 -9.16 0.85
C TYR A 211 -10.01 -10.20 1.52
N ASN A 212 -10.18 -10.07 2.82
CA ASN A 212 -10.93 -11.03 3.61
C ASN A 212 -12.35 -10.96 3.21
N GLU A 213 -12.86 -9.76 3.11
CA GLU A 213 -14.22 -9.54 2.72
C GLU A 213 -14.46 -10.16 1.34
N GLY A 214 -13.47 -10.15 0.49
CA GLY A 214 -13.72 -10.64 -0.84
C GLY A 214 -13.83 -12.14 -0.80
N ILE A 215 -12.98 -12.74 0.01
CA ILE A 215 -13.00 -14.17 0.12
C ILE A 215 -14.35 -14.60 0.70
N ILE A 216 -14.87 -13.83 1.63
CA ILE A 216 -16.16 -14.16 2.23
C ILE A 216 -17.24 -14.19 1.12
N ASN A 217 -17.20 -13.22 0.24
CA ASN A 217 -18.13 -13.18 -0.85
C ASN A 217 -17.91 -14.42 -1.70
N LEU A 218 -16.67 -14.75 -1.97
CA LEU A 218 -16.43 -15.87 -2.83
C LEU A 218 -17.14 -17.09 -2.25
N LEU A 219 -16.62 -17.57 -1.13
CA LEU A 219 -17.25 -18.69 -0.40
C LEU A 219 -18.76 -18.65 -0.44
N GLU A 220 -19.35 -17.50 -0.19
CA GLU A 220 -20.77 -17.33 -0.27
C GLU A 220 -21.31 -17.86 -1.63
N LYS A 221 -20.68 -17.43 -2.72
CA LYS A 221 -21.11 -17.69 -4.10
C LYS A 221 -20.41 -18.90 -4.80
N TYR A 222 -19.46 -19.57 -4.15
CA TYR A 222 -18.66 -20.59 -4.81
C TYR A 222 -19.33 -21.95 -5.14
N PHE A 223 -20.56 -22.16 -4.71
CA PHE A 223 -21.27 -23.40 -5.01
C PHE A 223 -22.28 -23.19 -6.16
N ASP A 224 -22.90 -21.99 -6.16
CA ASP A 224 -23.92 -21.49 -7.13
C ASP A 224 -23.27 -20.99 -8.49
N MET A 225 -22.00 -21.32 -8.73
CA MET A 225 -21.32 -20.75 -9.91
C MET A 225 -20.80 -21.77 -10.95
N LYS A 226 -20.54 -21.27 -12.15
CA LYS A 226 -20.10 -22.12 -13.27
C LYS A 226 -18.90 -22.94 -12.88
N LYS A 227 -18.62 -23.92 -13.69
CA LYS A 227 -17.52 -24.82 -13.43
C LYS A 227 -16.13 -24.20 -13.60
N ASN A 228 -15.94 -23.43 -14.67
CA ASN A 228 -14.61 -22.85 -14.89
C ASN A 228 -14.34 -21.71 -13.90
N GLN A 229 -15.39 -20.95 -13.58
CA GLN A 229 -15.39 -19.97 -12.54
C GLN A 229 -14.82 -20.66 -11.25
N CYS A 230 -15.61 -21.60 -10.71
CA CYS A 230 -15.22 -22.35 -9.52
C CYS A 230 -13.81 -22.82 -9.60
N LYS A 231 -13.09 -22.58 -10.67
CA LYS A 231 -11.74 -23.12 -10.77
C LYS A 231 -10.72 -22.01 -10.61
N GLU A 232 -11.17 -20.82 -11.04
CA GLU A 232 -10.43 -19.60 -10.88
C GLU A 232 -10.56 -19.35 -9.37
N GLY A 233 -11.81 -19.31 -8.91
CA GLY A 233 -12.19 -19.26 -7.53
C GLY A 233 -11.16 -20.06 -6.78
N LEU A 234 -11.21 -21.39 -6.85
CA LEU A 234 -10.31 -22.24 -6.09
C LEU A 234 -8.88 -21.74 -6.05
N ASP A 235 -8.44 -21.14 -7.12
CA ASP A 235 -7.04 -20.73 -7.21
C ASP A 235 -6.68 -19.50 -6.34
N ILE A 236 -7.67 -18.63 -6.18
CA ILE A 236 -7.58 -17.48 -5.36
C ILE A 236 -7.52 -17.88 -3.86
N TYR A 237 -8.45 -18.74 -3.44
CA TYR A 237 -8.55 -19.21 -2.05
C TYR A 237 -7.28 -19.89 -1.80
N LYS A 238 -6.81 -20.48 -2.87
CA LYS A 238 -5.57 -21.20 -2.70
C LYS A 238 -4.55 -20.14 -2.27
N LYS A 239 -4.41 -19.07 -3.06
CA LYS A 239 -3.23 -18.22 -2.89
C LYS A 239 -3.42 -17.33 -1.64
N PHE A 240 -4.68 -17.10 -1.27
CA PHE A 240 -5.03 -16.40 -0.04
C PHE A 240 -4.51 -17.14 1.19
N LEU A 241 -4.70 -18.44 1.25
CA LEU A 241 -4.13 -19.15 2.38
C LEU A 241 -2.61 -19.04 2.54
N THR A 242 -1.81 -19.00 1.48
CA THR A 242 -0.40 -18.77 1.74
C THR A 242 -0.12 -17.27 2.07
N ARG A 243 -0.94 -16.34 1.61
CA ARG A 243 -0.72 -14.95 1.92
C ARG A 243 -1.02 -14.65 3.42
N MET A 244 -2.02 -15.34 3.95
CA MET A 244 -2.35 -15.40 5.39
C MET A 244 -1.14 -15.71 6.24
N THR A 245 -0.31 -16.56 5.76
CA THR A 245 0.81 -16.89 6.56
C THR A 245 1.80 -15.74 6.58
N ARG A 246 1.98 -15.09 5.45
CA ARG A 246 2.95 -14.02 5.35
C ARG A 246 2.50 -12.80 6.17
N ILE A 247 1.22 -12.55 6.18
CA ILE A 247 0.62 -11.46 6.89
C ILE A 247 0.88 -11.59 8.39
N SER A 248 0.70 -12.80 8.85
CA SER A 248 0.99 -13.11 10.22
C SER A 248 2.42 -12.88 10.56
N GLU A 249 3.38 -13.17 9.67
CA GLU A 249 4.77 -12.81 9.99
C GLU A 249 5.02 -11.28 10.06
N PHE A 250 4.40 -10.54 9.12
CA PHE A 250 4.42 -9.10 9.15
C PHE A 250 3.89 -8.53 10.45
N LEU A 251 2.74 -9.02 10.97
CA LEU A 251 2.14 -8.43 12.17
C LEU A 251 2.88 -8.77 13.41
N LYS A 252 3.74 -9.75 13.28
CA LYS A 252 4.54 -10.16 14.38
C LYS A 252 5.75 -9.25 14.49
N VAL A 253 6.24 -8.72 13.37
CA VAL A 253 7.23 -7.64 13.45
C VAL A 253 6.63 -6.43 14.15
N ALA A 254 5.42 -6.18 13.84
CA ALA A 254 4.72 -5.06 14.46
C ALA A 254 4.55 -5.23 15.93
N GLU A 255 4.25 -6.46 16.32
CA GLU A 255 4.15 -6.75 17.76
C GLU A 255 5.54 -6.59 18.47
N GLN A 256 6.61 -7.07 17.84
CA GLN A 256 7.97 -6.97 18.38
C GLN A 256 8.41 -5.55 18.55
N VAL A 257 8.07 -4.67 17.65
CA VAL A 257 8.46 -3.27 17.73
C VAL A 257 7.71 -2.50 18.79
N GLY A 258 6.51 -2.94 19.20
CA GLY A 258 5.79 -2.34 20.29
C GLY A 258 4.46 -1.73 19.99
N ILE A 259 3.97 -1.90 18.76
CA ILE A 259 2.60 -1.37 18.36
C ILE A 259 1.51 -1.81 19.37
N ASP A 260 0.60 -0.94 19.64
CA ASP A 260 -0.45 -1.13 20.60
C ASP A 260 -1.20 -2.43 20.11
N ARG A 261 -1.28 -3.43 20.99
CA ARG A 261 -1.90 -4.69 20.59
C ARG A 261 -3.37 -4.56 20.26
N GLY A 262 -4.01 -3.50 20.77
CA GLY A 262 -5.35 -3.15 20.35
C GLY A 262 -5.49 -2.78 18.85
N ASP A 263 -4.41 -2.31 18.21
CA ASP A 263 -4.55 -1.95 16.83
C ASP A 263 -4.29 -3.06 15.88
N ILE A 264 -3.80 -4.21 16.36
CA ILE A 264 -3.38 -5.29 15.52
C ILE A 264 -4.57 -6.18 15.36
N PRO A 265 -4.89 -6.56 14.14
CA PRO A 265 -6.19 -7.26 13.98
C PRO A 265 -6.05 -8.74 14.23
N ASP A 266 -7.18 -9.32 14.56
CA ASP A 266 -7.22 -10.72 14.91
C ASP A 266 -7.42 -11.49 13.67
N LEU A 267 -6.51 -12.38 13.39
CA LEU A 267 -6.65 -13.29 12.30
C LEU A 267 -7.09 -14.68 12.93
N SER A 268 -8.36 -15.01 12.98
CA SER A 268 -8.73 -16.34 13.47
C SER A 268 -10.03 -16.36 12.69
N GLN A 269 -9.89 -16.62 11.39
CA GLN A 269 -10.96 -16.28 10.46
C GLN A 269 -10.83 -16.73 8.95
N ALA A 270 -11.61 -17.77 8.58
CA ALA A 270 -11.95 -18.26 7.19
C ALA A 270 -11.06 -19.29 6.41
N PRO A 271 -10.09 -19.96 7.03
CA PRO A 271 -9.14 -20.86 6.35
C PRO A 271 -9.31 -22.34 6.58
N SER A 272 -10.49 -22.78 6.97
CA SER A 272 -10.62 -24.20 7.21
C SER A 272 -11.23 -24.99 6.01
N SER A 273 -12.17 -24.39 5.25
CA SER A 273 -12.89 -25.04 4.13
C SER A 273 -12.12 -25.49 2.87
N LEU A 274 -10.83 -25.78 2.89
CA LEU A 274 -10.22 -26.18 1.62
C LEU A 274 -10.90 -27.39 0.94
N LEU A 275 -12.04 -27.85 1.47
CA LEU A 275 -12.74 -29.02 0.89
C LEU A 275 -13.97 -28.65 0.03
N ASP A 276 -13.64 -27.82 -0.96
CA ASP A 276 -14.45 -27.50 -2.12
C ASP A 276 -13.50 -27.75 -3.33
N ALA A 277 -12.27 -28.17 -3.03
CA ALA A 277 -11.32 -28.62 -4.02
C ALA A 277 -11.87 -29.94 -4.55
N LEU A 278 -13.06 -30.30 -4.05
CA LEU A 278 -13.77 -31.47 -4.52
C LEU A 278 -15.15 -31.12 -5.02
N GLU A 279 -15.61 -29.88 -4.94
CA GLU A 279 -16.89 -29.72 -5.58
C GLU A 279 -16.61 -29.85 -7.07
N GLN A 280 -15.36 -30.12 -7.46
CA GLN A 280 -15.09 -30.44 -8.85
C GLN A 280 -15.27 -31.94 -8.95
N HIS A 281 -16.51 -32.22 -8.59
CA HIS A 281 -17.18 -33.48 -8.70
C HIS A 281 -17.48 -33.65 -10.18
#